data_4LCU
#
_entry.id   4LCU
#
_cell.length_a   155.952
_cell.length_b   155.952
_cell.length_c   75.952
_cell.angle_alpha   90.000
_cell.angle_beta   90.000
_cell.angle_gamma   90.000
#
_symmetry.space_group_name_H-M   'I 4'
#
loop_
_entity.id
_entity.type
_entity.pdbx_description
1 polymer 'Fab light chain'
2 polymer 'Fab heavy chain'
3 polymer 'pH-gated potassium channel KcsA'
4 non-polymer 'POTASSIUM ION'
5 non-polymer 'DIACYL GLYCEROL'
6 water water
#
loop_
_entity_poly.entity_id
_entity_poly.type
_entity_poly.pdbx_seq_one_letter_code
_entity_poly.pdbx_strand_id
1 'polypeptide(L)'
;QVQLQQPGAELVKPGASVKLSCKASGYTFTSDWIHWVKQRPGHGLEWIGEIIPSYGRANYNEKIQKKATLTADKSSSTAF
MQLSSLTSEDSAVYYCARERGDGYFAVWGAGTTVTVSSAKTTPPSVYPLAPGSAAQTNSMVTLGCLVKGYFPEPVTVTWN
SGSLSSGVHTFPAVLQSDLYTLSSSVTVPSSSWPSETVTCNVAHPASSTKVDKKIVPRD
;
A
2 'polypeptide(L)'
;DILLTQSPAILSVSPGERVSFSCRASQSIGTDIHWYQQRTNGSPRLLIKYASESISGIPSRFSGSGSGTDFTLSINSVES
EDIANYYCQQSNRWPFTFGSGTKLEIKRADAAPTVSIFPPSSEQLTSGGASVVCFLNNFYPKDINVKWKIDGSERQNGVL
NSWTDQDSKDSTYSMSSTLTLTKDEYERHNSYTCEATHKTSTSPIVKSFNRN
;
B
3 'polypeptide(L)'
;SMHHHHHHPPMLSGLLARLVKLLLGRHGSALHWRAAGAATVLLVIVLLAGSYLAVLAERGAPGAQLITYPRALWWSVETA
TTVGYGDLYPVTLWGRLVAVVVMVAGITSFGLVTAALATWFVGRAQERRGH
;
C
#
loop_
_chem_comp.id
_chem_comp.type
_chem_comp.name
_chem_comp.formula
DGA non-polymer 'DIACYL GLYCEROL' 'C39 H76 O5'
K non-polymer 'POTASSIUM ION' 'K 1'
#
# COMPACT_ATOMS: atom_id res chain seq x y z
N GLN A 1 15.15 8.90 -2.18
CA GLN A 1 15.41 7.46 -2.25
C GLN A 1 14.47 6.65 -1.37
N VAL A 2 14.24 5.38 -1.75
CA VAL A 2 13.35 4.49 -1.01
C VAL A 2 13.71 4.44 0.47
N GLN A 3 12.78 4.92 1.28
CA GLN A 3 12.93 4.99 2.71
C GLN A 3 12.81 3.65 3.42
N LEU A 4 11.94 2.78 2.93
CA LEU A 4 11.71 1.48 3.57
C LEU A 4 11.86 0.33 2.57
N GLN A 5 12.82 -0.56 2.79
CA GLN A 5 13.07 -1.68 1.87
C GLN A 5 12.60 -3.04 2.42
N GLN A 6 11.70 -3.65 1.66
CA GLN A 6 11.15 -4.94 2.00
C GLN A 6 11.34 -5.92 0.88
N PRO A 7 11.56 -7.19 1.21
CA PRO A 7 11.74 -8.19 0.13
C PRO A 7 10.42 -8.31 -0.64
N GLY A 8 10.48 -8.60 -1.93
CA GLY A 8 9.28 -8.70 -2.74
C GLY A 8 8.34 -9.82 -2.36
N ALA A 9 8.90 -10.97 -2.02
CA ALA A 9 8.08 -12.12 -1.67
C ALA A 9 8.75 -13.19 -0.80
N GLU A 10 7.90 -14.02 -0.21
CA GLU A 10 8.30 -15.14 0.64
C GLU A 10 7.30 -16.27 0.51
N LEU A 11 7.80 -17.46 0.16
CA LEU A 11 6.96 -18.65 0.04
C LEU A 11 7.18 -19.44 1.32
N VAL A 12 6.09 -19.82 1.98
CA VAL A 12 6.19 -20.55 3.23
C VAL A 12 5.28 -21.77 3.22
N LYS A 13 5.80 -22.92 3.62
CA LYS A 13 4.99 -24.12 3.68
C LYS A 13 4.14 -24.04 4.95
N PRO A 14 2.91 -24.55 4.89
CA PRO A 14 1.97 -24.55 6.01
C PRO A 14 2.57 -25.14 7.29
N GLY A 15 2.49 -24.39 8.39
CA GLY A 15 3.02 -24.85 9.66
C GLY A 15 4.38 -24.25 9.96
N ALA A 16 5.08 -23.84 8.92
CA ALA A 16 6.40 -23.25 9.07
C ALA A 16 6.27 -21.77 9.45
N SER A 17 7.41 -21.14 9.69
CA SER A 17 7.43 -19.73 10.05
C SER A 17 8.38 -18.97 9.12
N VAL A 18 8.27 -17.66 9.07
CA VAL A 18 9.13 -16.84 8.23
C VAL A 18 9.41 -15.52 8.93
N LYS A 19 10.56 -14.91 8.66
CA LYS A 19 10.91 -13.65 9.31
C LYS A 19 11.04 -12.57 8.24
N LEU A 20 10.10 -11.63 8.22
CA LEU A 20 10.12 -10.54 7.24
C LEU A 20 10.97 -9.40 7.75
N SER A 21 11.59 -8.67 6.82
CA SER A 21 12.46 -7.55 7.17
C SER A 21 12.00 -6.25 6.55
N CYS A 22 12.38 -5.14 7.18
CA CYS A 22 12.01 -3.84 6.67
C CYS A 22 13.22 -2.96 7.00
N LYS A 23 14.02 -2.64 5.98
CA LYS A 23 15.22 -1.83 6.14
C LYS A 23 14.95 -0.35 5.91
N ALA A 24 15.22 0.47 6.92
CA ALA A 24 14.96 1.91 6.81
C ALA A 24 16.20 2.73 6.52
N SER A 25 16.01 3.80 5.74
CA SER A 25 17.05 4.77 5.36
C SER A 25 16.39 6.13 5.52
N GLY A 26 17.09 7.21 5.19
CA GLY A 26 16.49 8.52 5.35
C GLY A 26 16.68 8.95 6.78
N TYR A 27 16.02 10.03 7.21
CA TYR A 27 16.17 10.45 8.60
C TYR A 27 15.66 9.36 9.54
N THR A 28 16.39 9.14 10.62
CA THR A 28 15.99 8.17 11.63
C THR A 28 16.05 8.80 12.99
N PHE A 29 14.98 8.65 13.77
CA PHE A 29 14.97 9.24 15.09
C PHE A 29 14.69 8.13 16.09
N THR A 30 15.12 8.35 17.32
CA THR A 30 14.91 7.39 18.40
C THR A 30 13.41 7.29 18.69
N SER A 31 12.65 8.29 18.23
CA SER A 31 11.20 8.34 18.44
C SER A 31 10.34 7.75 17.32
N ASP A 32 10.97 7.16 16.32
CA ASP A 32 10.29 6.53 15.19
C ASP A 32 9.70 5.20 15.58
N TRP A 33 8.53 4.90 15.05
CA TRP A 33 7.93 3.61 15.28
C TRP A 33 7.75 2.95 13.93
N ILE A 34 8.04 1.66 13.87
CA ILE A 34 7.86 0.92 12.64
C ILE A 34 6.64 0.04 12.83
N HIS A 35 5.66 0.20 11.94
CA HIS A 35 4.42 -0.56 11.98
C HIS A 35 4.34 -1.61 10.88
N TRP A 36 3.53 -2.63 11.09
CA TRP A 36 3.36 -3.67 10.09
C TRP A 36 1.86 -3.79 9.81
N VAL A 37 1.50 -3.83 8.53
CA VAL A 37 0.11 -3.88 8.13
C VAL A 37 -0.07 -5.04 7.16
N LYS A 38 -1.14 -5.80 7.38
CA LYS A 38 -1.45 -6.95 6.56
C LYS A 38 -2.60 -6.66 5.64
N GLN A 39 -2.48 -7.11 4.39
CA GLN A 39 -3.55 -6.92 3.41
C GLN A 39 -3.71 -8.14 2.54
N ARG A 40 -4.83 -8.83 2.71
CA ARG A 40 -5.15 -9.99 1.92
C ARG A 40 -5.68 -9.51 0.59
N PRO A 41 -5.54 -10.33 -0.47
CA PRO A 41 -6.03 -9.94 -1.80
C PRO A 41 -7.49 -9.52 -1.79
N GLY A 42 -7.78 -8.41 -2.44
CA GLY A 42 -9.14 -7.89 -2.51
C GLY A 42 -9.70 -7.30 -1.22
N HIS A 43 -8.91 -7.32 -0.15
CA HIS A 43 -9.36 -6.78 1.14
C HIS A 43 -8.63 -5.52 1.57
N GLY A 44 -9.03 -5.01 2.73
CA GLY A 44 -8.47 -3.80 3.27
C GLY A 44 -7.16 -3.95 4.01
N LEU A 45 -6.79 -2.87 4.69
CA LEU A 45 -5.55 -2.81 5.45
C LEU A 45 -5.84 -3.20 6.88
N GLU A 46 -5.04 -4.10 7.43
CA GLU A 46 -5.24 -4.55 8.81
C GLU A 46 -3.96 -4.28 9.64
N TRP A 47 -4.10 -3.53 10.74
CA TRP A 47 -2.94 -3.21 11.58
C TRP A 47 -2.52 -4.44 12.37
N ILE A 48 -1.25 -4.80 12.31
CA ILE A 48 -0.75 -5.98 13.03
C ILE A 48 -0.08 -5.65 14.36
N GLY A 49 0.86 -4.71 14.32
CA GLY A 49 1.59 -4.32 15.50
C GLY A 49 2.62 -3.24 15.22
N GLU A 50 3.34 -2.85 16.27
CA GLU A 50 4.32 -1.79 16.13
C GLU A 50 5.52 -2.03 17.04
N ILE A 51 6.62 -1.37 16.71
CA ILE A 51 7.80 -1.49 17.54
C ILE A 51 8.59 -0.18 17.51
N ILE A 52 9.19 0.15 18.63
CA ILE A 52 10.03 1.33 18.72
C ILE A 52 11.46 0.80 18.82
N PRO A 53 12.23 0.89 17.73
CA PRO A 53 13.62 0.42 17.67
C PRO A 53 14.55 0.92 18.79
N SER A 54 14.47 2.21 19.13
CA SER A 54 15.35 2.76 20.17
C SER A 54 15.20 2.08 21.54
N TYR A 55 14.04 1.47 21.78
CA TYR A 55 13.81 0.80 23.06
C TYR A 55 13.54 -0.68 22.87
N GLY A 56 12.97 -1.06 21.72
CA GLY A 56 12.71 -2.45 21.47
C GLY A 56 11.35 -2.95 21.94
N ARG A 57 10.49 -2.06 22.45
CA ARG A 57 9.18 -2.53 22.91
C ARG A 57 8.25 -2.63 21.71
N ALA A 58 7.43 -3.67 21.72
CA ALA A 58 6.47 -3.94 20.66
C ALA A 58 5.05 -4.14 21.17
N ASN A 59 4.08 -3.69 20.38
CA ASN A 59 2.68 -3.85 20.73
C ASN A 59 2.03 -4.59 19.58
N TYR A 60 0.99 -5.37 19.86
CA TYR A 60 0.32 -6.18 18.83
C TYR A 60 -1.20 -6.08 18.78
N ASN A 61 -1.79 -6.33 17.62
CA ASN A 61 -3.24 -6.33 17.54
C ASN A 61 -3.72 -7.49 18.43
N GLU A 62 -4.48 -7.18 19.46
CA GLU A 62 -5.01 -8.18 20.39
C GLU A 62 -6.26 -8.89 19.84
N LYS A 63 -6.94 -8.22 18.91
CA LYS A 63 -8.20 -8.69 18.31
C LYS A 63 -8.14 -9.89 17.34
N ILE A 64 -6.94 -10.26 16.93
CA ILE A 64 -6.69 -11.35 15.99
C ILE A 64 -5.72 -12.36 16.58
N GLN A 65 -5.79 -13.60 16.12
CA GLN A 65 -4.88 -14.62 16.63
C GLN A 65 -3.48 -14.08 16.39
N LYS A 66 -2.68 -14.07 17.46
CA LYS A 66 -1.32 -13.54 17.38
C LYS A 66 -0.39 -14.48 16.63
N LYS A 67 -0.04 -14.08 15.43
CA LYS A 67 0.85 -14.83 14.57
C LYS A 67 2.22 -14.16 14.53
N ALA A 68 2.28 -12.88 14.91
CA ALA A 68 3.55 -12.15 14.81
C ALA A 68 4.30 -11.85 16.12
N THR A 69 5.62 -11.69 15.97
CA THR A 69 6.56 -11.34 17.02
C THR A 69 7.53 -10.31 16.44
N LEU A 70 7.58 -9.11 17.02
CA LEU A 70 8.44 -8.06 16.47
C LEU A 70 9.75 -7.86 17.24
N THR A 71 10.81 -7.66 16.46
CA THR A 71 12.15 -7.40 16.96
C THR A 71 12.78 -6.33 16.07
N ALA A 72 13.92 -5.81 16.48
CA ALA A 72 14.61 -4.78 15.71
C ALA A 72 16.11 -4.81 15.96
N ASP A 73 16.88 -4.63 14.89
CA ASP A 73 18.33 -4.61 14.96
C ASP A 73 18.73 -3.17 14.69
N LYS A 74 19.20 -2.52 15.75
CA LYS A 74 19.60 -1.12 15.71
C LYS A 74 20.76 -0.84 14.76
N SER A 75 21.77 -1.72 14.78
CA SER A 75 22.95 -1.56 13.93
C SER A 75 22.69 -1.58 12.42
N SER A 76 21.71 -2.37 11.98
CA SER A 76 21.38 -2.46 10.56
C SER A 76 20.12 -1.69 10.17
N SER A 77 19.54 -0.97 11.13
CA SER A 77 18.31 -0.19 10.92
C SER A 77 17.24 -1.03 10.23
N THR A 78 17.09 -2.27 10.69
CA THR A 78 16.12 -3.19 10.11
C THR A 78 15.15 -3.67 11.19
N ALA A 79 13.88 -3.70 10.83
CA ALA A 79 12.83 -4.15 11.72
C ALA A 79 12.40 -5.52 11.21
N PHE A 80 12.05 -6.42 12.12
CA PHE A 80 11.64 -7.74 11.72
C PHE A 80 10.30 -8.16 12.32
N MET A 81 9.59 -8.98 11.56
CA MET A 81 8.32 -9.55 11.97
C MET A 81 8.33 -11.06 11.78
N GLN A 82 8.35 -11.78 12.90
CA GLN A 82 8.34 -13.24 12.87
C GLN A 82 6.91 -13.76 12.88
N LEU A 83 6.50 -14.40 11.79
CA LEU A 83 5.17 -15.00 11.68
C LEU A 83 5.39 -16.50 11.83
N SER A 84 4.68 -17.16 12.75
CA SER A 84 4.89 -18.61 12.95
C SER A 84 3.64 -19.47 12.76
N SER A 85 3.84 -20.74 12.37
CA SER A 85 2.75 -21.70 12.18
C SER A 85 1.65 -21.13 11.31
N LEU A 86 2.00 -20.81 10.07
CA LEU A 86 1.08 -20.18 9.13
C LEU A 86 0.13 -21.14 8.41
N THR A 87 -1.01 -20.60 7.99
CA THR A 87 -2.04 -21.33 7.24
C THR A 87 -2.38 -20.43 6.08
N SER A 88 -3.22 -20.91 5.16
CA SER A 88 -3.59 -20.11 3.99
C SER A 88 -4.19 -18.76 4.37
N GLU A 89 -4.73 -18.65 5.58
CA GLU A 89 -5.30 -17.40 6.04
C GLU A 89 -4.21 -16.33 6.20
N ASP A 90 -2.97 -16.77 6.34
CA ASP A 90 -1.88 -15.84 6.54
C ASP A 90 -1.23 -15.32 5.25
N SER A 91 -1.63 -15.87 4.11
CA SER A 91 -1.11 -15.41 2.83
C SER A 91 -1.64 -14.02 2.55
N ALA A 92 -0.73 -13.07 2.29
CA ALA A 92 -1.12 -11.69 2.02
C ALA A 92 0.11 -10.84 1.82
N VAL A 93 -0.12 -9.56 1.51
CA VAL A 93 0.97 -8.60 1.39
C VAL A 93 1.11 -7.94 2.75
N TYR A 94 2.34 -7.87 3.25
CA TYR A 94 2.63 -7.27 4.53
C TYR A 94 3.47 -6.04 4.31
N TYR A 95 2.93 -4.88 4.66
CA TYR A 95 3.66 -3.61 4.50
C TYR A 95 4.28 -3.22 5.82
N CYS A 96 5.39 -2.50 5.76
CA CYS A 96 5.95 -1.94 6.98
C CYS A 96 5.79 -0.46 6.68
N ALA A 97 5.65 0.34 7.73
CA ALA A 97 5.46 1.77 7.58
C ALA A 97 6.11 2.48 8.75
N ARG A 98 6.52 3.71 8.53
CA ARG A 98 7.19 4.49 9.57
C ARG A 98 6.28 5.59 10.06
N GLU A 99 6.19 5.71 11.38
CA GLU A 99 5.37 6.71 12.04
C GLU A 99 6.29 7.51 12.94
N ARG A 100 6.25 8.83 12.84
CA ARG A 100 7.12 9.68 13.67
C ARG A 100 6.56 9.93 15.06
N GLY A 101 5.79 9.01 15.60
CA GLY A 101 5.23 9.20 16.92
C GLY A 101 4.10 10.23 16.90
N ASP A 102 3.65 10.63 15.72
CA ASP A 102 2.58 11.60 15.64
C ASP A 102 1.31 11.03 15.01
N GLY A 103 1.19 9.71 15.01
CA GLY A 103 -0.03 9.07 14.56
C GLY A 103 -0.29 8.63 13.13
N TYR A 104 0.43 9.16 12.17
CA TYR A 104 0.20 8.78 10.78
C TYR A 104 1.42 8.17 10.11
N PHE A 105 1.17 7.34 9.11
CA PHE A 105 2.21 6.64 8.38
C PHE A 105 2.70 7.48 7.20
N ALA A 106 3.76 8.25 7.46
CA ALA A 106 4.37 9.14 6.47
C ALA A 106 4.83 8.42 5.22
N VAL A 107 5.39 7.22 5.39
CA VAL A 107 5.91 6.47 4.27
C VAL A 107 5.75 5.00 4.55
N TRP A 108 5.57 4.26 3.45
CA TRP A 108 5.35 2.83 3.47
C TRP A 108 6.38 2.05 2.67
N GLY A 109 6.59 0.79 3.03
CA GLY A 109 7.47 -0.07 2.27
C GLY A 109 6.68 -0.58 1.04
N ALA A 110 7.34 -1.28 0.13
CA ALA A 110 6.65 -1.79 -1.05
C ALA A 110 5.79 -3.00 -0.73
N GLY A 111 6.04 -3.60 0.42
CA GLY A 111 5.27 -4.76 0.82
C GLY A 111 5.91 -6.06 0.40
N THR A 112 5.73 -7.08 1.22
CA THR A 112 6.27 -8.40 0.94
C THR A 112 5.09 -9.34 0.71
N THR A 113 5.03 -9.96 -0.46
CA THR A 113 3.94 -10.88 -0.75
C THR A 113 4.30 -12.22 -0.13
N VAL A 114 3.51 -12.65 0.83
CA VAL A 114 3.75 -13.93 1.50
C VAL A 114 2.72 -14.93 1.02
N THR A 115 3.21 -16.07 0.57
CA THR A 115 2.36 -17.13 0.06
C THR A 115 2.52 -18.40 0.87
N VAL A 116 1.42 -18.91 1.41
CA VAL A 116 1.45 -20.15 2.19
C VAL A 116 0.90 -21.26 1.28
N SER A 117 1.80 -22.13 0.82
CA SER A 117 1.44 -23.22 -0.07
C SER A 117 2.45 -24.35 0.03
N SER A 118 2.03 -25.54 -0.38
CA SER A 118 2.90 -26.70 -0.35
C SER A 118 3.68 -26.77 -1.65
N ALA A 119 3.18 -26.08 -2.68
CA ALA A 119 3.81 -26.05 -3.99
C ALA A 119 5.26 -25.57 -3.94
N LYS A 120 6.03 -25.91 -4.97
CA LYS A 120 7.43 -25.54 -5.04
C LYS A 120 7.59 -24.28 -5.90
N THR A 121 8.66 -23.53 -5.66
CA THR A 121 8.93 -22.31 -6.41
C THR A 121 9.25 -22.62 -7.87
N THR A 122 8.82 -21.75 -8.78
CA THR A 122 9.06 -21.95 -10.19
C THR A 122 9.15 -20.63 -10.94
N PRO A 123 10.30 -20.36 -11.56
CA PRO A 123 10.49 -19.13 -12.34
C PRO A 123 9.62 -19.14 -13.59
N PRO A 124 9.21 -17.97 -14.06
CA PRO A 124 8.35 -17.87 -15.26
C PRO A 124 9.06 -18.00 -16.61
N SER A 125 8.33 -18.43 -17.63
CA SER A 125 8.87 -18.52 -18.98
C SER A 125 8.28 -17.33 -19.75
N VAL A 126 9.15 -16.51 -20.34
CA VAL A 126 8.68 -15.32 -21.07
C VAL A 126 8.72 -15.49 -22.58
N TYR A 127 7.55 -15.43 -23.20
CA TYR A 127 7.41 -15.57 -24.64
C TYR A 127 6.89 -14.28 -25.29
N PRO A 128 7.35 -13.99 -26.50
CA PRO A 128 6.97 -12.79 -27.27
C PRO A 128 5.58 -12.83 -27.87
N LEU A 129 5.00 -11.66 -28.07
CA LEU A 129 3.69 -11.54 -28.69
C LEU A 129 3.81 -10.49 -29.78
N ALA A 130 4.08 -10.95 -30.99
CA ALA A 130 4.21 -10.06 -32.12
C ALA A 130 3.04 -10.37 -33.04
N PRO A 131 2.53 -9.33 -33.73
CA PRO A 131 1.39 -9.45 -34.64
C PRO A 131 1.60 -10.49 -35.73
N GLY A 132 0.52 -11.10 -36.20
CA GLY A 132 0.62 -12.08 -37.27
C GLY A 132 0.93 -11.33 -38.55
N SER A 133 1.37 -12.02 -39.58
CA SER A 133 1.72 -11.36 -40.83
C SER A 133 0.54 -10.68 -41.55
N ALA A 134 -0.69 -11.08 -41.25
CA ALA A 134 -1.84 -10.48 -41.92
C ALA A 134 -2.55 -9.37 -41.14
N ALA A 135 -2.05 -9.02 -39.95
CA ALA A 135 -2.69 -7.96 -39.18
C ALA A 135 -2.37 -6.59 -39.79
N GLN A 136 -3.40 -5.77 -40.02
CA GLN A 136 -3.20 -4.45 -40.57
C GLN A 136 -3.04 -3.43 -39.45
N THR A 137 -1.94 -2.67 -39.50
CA THR A 137 -1.66 -1.66 -38.48
C THR A 137 -2.25 -0.28 -38.82
N ASN A 138 -2.64 0.44 -37.78
CA ASN A 138 -3.18 1.79 -37.92
C ASN A 138 -1.97 2.65 -37.54
N SER A 139 -2.17 3.81 -36.93
CA SER A 139 -1.07 4.67 -36.54
C SER A 139 -0.39 4.15 -35.26
N MET A 140 -0.98 3.13 -34.64
CA MET A 140 -0.41 2.57 -33.42
C MET A 140 -0.31 1.04 -33.56
N VAL A 141 0.60 0.41 -32.83
CA VAL A 141 0.72 -1.04 -32.89
C VAL A 141 0.78 -1.60 -31.48
N THR A 142 0.14 -2.75 -31.26
CA THR A 142 0.12 -3.37 -29.94
C THR A 142 0.97 -4.63 -29.94
N LEU A 143 1.90 -4.70 -29.00
CA LEU A 143 2.79 -5.82 -28.84
C LEU A 143 2.62 -6.33 -27.42
N GLY A 144 3.31 -7.41 -27.07
CA GLY A 144 3.20 -7.92 -25.72
C GLY A 144 4.12 -9.07 -25.39
N CYS A 145 3.97 -9.60 -24.18
CA CYS A 145 4.76 -10.73 -23.74
C CYS A 145 3.97 -11.65 -22.82
N LEU A 146 4.14 -12.96 -23.01
CA LEU A 146 3.46 -13.97 -22.21
C LEU A 146 4.38 -14.48 -21.12
N VAL A 147 3.88 -14.41 -19.89
CA VAL A 147 4.62 -14.83 -18.71
C VAL A 147 3.84 -15.97 -18.06
N LYS A 148 4.28 -17.20 -18.31
CA LYS A 148 3.58 -18.35 -17.75
C LYS A 148 4.43 -19.37 -17.00
N GLY A 149 3.74 -20.19 -16.22
CA GLY A 149 4.37 -21.25 -15.45
C GLY A 149 5.18 -20.82 -14.24
N TYR A 150 4.79 -19.75 -13.58
CA TYR A 150 5.53 -19.31 -12.40
C TYR A 150 4.76 -19.48 -11.11
N PHE A 151 5.49 -19.52 -10.01
CA PHE A 151 4.92 -19.66 -8.69
C PHE A 151 6.00 -19.37 -7.67
N PRO A 152 5.68 -18.62 -6.62
CA PRO A 152 4.37 -18.02 -6.32
C PRO A 152 4.32 -16.62 -6.88
N GLU A 153 3.26 -15.89 -6.57
CA GLU A 153 3.16 -14.51 -7.00
C GLU A 153 4.19 -13.73 -6.17
N PRO A 154 4.59 -12.55 -6.64
CA PRO A 154 4.20 -11.88 -7.87
C PRO A 154 5.32 -11.81 -8.88
N VAL A 155 5.08 -11.16 -10.01
CA VAL A 155 6.12 -10.93 -10.99
C VAL A 155 5.95 -9.47 -11.36
N THR A 156 7.04 -8.79 -11.68
CA THR A 156 6.93 -7.40 -12.09
C THR A 156 7.35 -7.26 -13.53
N VAL A 157 6.46 -6.70 -14.34
CA VAL A 157 6.75 -6.53 -15.76
C VAL A 157 6.84 -5.06 -16.12
N THR A 158 7.96 -4.68 -16.73
CA THR A 158 8.19 -3.32 -17.19
C THR A 158 8.59 -3.38 -18.64
N TRP A 159 8.47 -2.25 -19.33
CA TRP A 159 8.86 -2.20 -20.74
C TRP A 159 10.03 -1.23 -20.91
N ASN A 160 11.03 -1.70 -21.64
CA ASN A 160 12.27 -0.95 -21.86
C ASN A 160 12.83 -0.42 -20.53
N SER A 161 13.00 -1.34 -19.59
CA SER A 161 13.55 -1.03 -18.27
C SER A 161 12.78 0.06 -17.52
N GLY A 162 11.52 0.28 -17.89
CA GLY A 162 10.69 1.28 -17.24
C GLY A 162 10.50 2.58 -18.01
N SER A 163 11.34 2.82 -19.01
CA SER A 163 11.26 4.04 -19.81
C SER A 163 9.99 4.15 -20.66
N LEU A 164 9.31 3.02 -20.89
CA LEU A 164 8.09 2.99 -21.70
C LEU A 164 6.93 2.64 -20.76
N SER A 165 6.09 3.62 -20.44
CA SER A 165 4.98 3.41 -19.52
C SER A 165 3.59 3.60 -20.12
N SER A 166 3.43 4.59 -20.98
CA SER A 166 2.13 4.83 -21.60
C SER A 166 1.74 3.70 -22.57
N GLY A 167 0.45 3.37 -22.60
CA GLY A 167 -0.05 2.32 -23.47
C GLY A 167 0.28 0.92 -22.99
N VAL A 168 0.49 0.78 -21.68
CA VAL A 168 0.83 -0.51 -21.07
C VAL A 168 -0.25 -1.04 -20.12
N HIS A 169 -0.62 -2.30 -20.33
CA HIS A 169 -1.61 -3.01 -19.48
C HIS A 169 -1.00 -4.33 -19.06
N THR A 170 -0.93 -4.61 -17.76
CA THR A 170 -0.44 -5.92 -17.36
C THR A 170 -1.62 -6.60 -16.65
N PHE A 171 -2.05 -7.71 -17.21
CA PHE A 171 -3.19 -8.43 -16.70
C PHE A 171 -2.91 -9.29 -15.46
N PRO A 172 -3.92 -9.42 -14.57
CA PRO A 172 -3.84 -10.23 -13.36
C PRO A 172 -3.57 -11.69 -13.71
N ALA A 173 -2.78 -12.37 -12.89
CA ALA A 173 -2.44 -13.76 -13.15
C ALA A 173 -3.61 -14.69 -12.88
N VAL A 174 -3.63 -15.82 -13.59
CA VAL A 174 -4.67 -16.83 -13.40
C VAL A 174 -3.97 -18.07 -12.87
N LEU A 175 -4.56 -18.68 -11.85
CA LEU A 175 -3.96 -19.85 -11.23
C LEU A 175 -4.56 -21.14 -11.77
N GLN A 176 -3.70 -22.01 -12.27
CA GLN A 176 -4.15 -23.28 -12.82
C GLN A 176 -3.07 -24.33 -12.56
N SER A 177 -3.44 -25.38 -11.82
CA SER A 177 -2.53 -26.48 -11.50
C SER A 177 -1.28 -26.01 -10.76
N ASP A 178 -1.46 -25.20 -9.73
CA ASP A 178 -0.36 -24.68 -8.90
C ASP A 178 0.66 -23.78 -9.61
N LEU A 179 0.24 -23.15 -10.72
CA LEU A 179 1.13 -22.25 -11.48
C LEU A 179 0.34 -21.04 -12.01
N TYR A 180 0.99 -19.88 -12.01
CA TYR A 180 0.35 -18.65 -12.50
C TYR A 180 0.76 -18.28 -13.92
N THR A 181 -0.10 -17.51 -14.57
CA THR A 181 0.14 -17.05 -15.93
C THR A 181 -0.52 -15.69 -16.16
N LEU A 182 0.19 -14.80 -16.85
CA LEU A 182 -0.33 -13.49 -17.18
C LEU A 182 0.40 -12.97 -18.43
N SER A 183 -0.18 -11.95 -19.05
CA SER A 183 0.44 -11.33 -20.22
C SER A 183 0.46 -9.84 -19.97
N SER A 184 1.38 -9.14 -20.64
CA SER A 184 1.46 -7.69 -20.51
C SER A 184 1.35 -7.12 -21.92
N SER A 185 0.63 -6.01 -22.04
CA SER A 185 0.37 -5.35 -23.31
C SER A 185 1.04 -3.99 -23.39
N VAL A 186 1.53 -3.65 -24.58
CA VAL A 186 2.17 -2.37 -24.82
C VAL A 186 1.80 -1.86 -26.20
N THR A 187 1.49 -0.57 -26.31
CA THR A 187 1.12 0.01 -27.59
C THR A 187 1.99 1.21 -27.89
N VAL A 188 2.62 1.18 -29.06
CA VAL A 188 3.49 2.26 -29.52
C VAL A 188 3.10 2.64 -30.93
N PRO A 189 3.53 3.82 -31.41
CA PRO A 189 3.16 4.21 -32.77
C PRO A 189 3.68 3.17 -33.75
N SER A 190 2.82 2.78 -34.70
CA SER A 190 3.17 1.76 -35.68
C SER A 190 4.45 2.10 -36.44
N SER A 191 4.73 3.39 -36.61
CA SER A 191 5.92 3.82 -37.34
C SER A 191 7.22 3.61 -36.59
N SER A 192 7.17 3.71 -35.27
CA SER A 192 8.36 3.57 -34.43
C SER A 192 8.89 2.15 -34.25
N TRP A 193 8.08 1.14 -34.56
CA TRP A 193 8.51 -0.26 -34.38
C TRP A 193 8.53 -1.01 -35.71
N PRO A 194 9.55 -1.85 -35.94
CA PRO A 194 10.70 -2.26 -35.14
C PRO A 194 11.96 -1.38 -35.19
N SER A 195 11.93 -0.24 -35.89
CA SER A 195 13.10 0.63 -35.98
C SER A 195 13.66 0.91 -34.62
N GLU A 196 12.78 1.24 -33.70
CA GLU A 196 13.17 1.49 -32.32
C GLU A 196 12.78 0.24 -31.54
N THR A 197 13.77 -0.34 -30.87
CA THR A 197 13.59 -1.58 -30.13
C THR A 197 12.58 -1.47 -28.97
N VAL A 198 11.87 -2.57 -28.73
CA VAL A 198 10.87 -2.69 -27.66
C VAL A 198 11.12 -3.99 -26.91
N THR A 199 11.45 -3.89 -25.63
CA THR A 199 11.74 -5.04 -24.79
C THR A 199 10.99 -4.99 -23.47
N CYS A 200 10.51 -6.15 -23.01
CA CYS A 200 9.81 -6.21 -21.73
C CYS A 200 10.77 -6.83 -20.74
N ASN A 201 10.71 -6.35 -19.49
CA ASN A 201 11.58 -6.87 -18.45
C ASN A 201 10.70 -7.52 -17.40
N VAL A 202 10.92 -8.81 -17.17
CA VAL A 202 10.12 -9.56 -16.20
C VAL A 202 10.94 -9.99 -14.99
N ALA A 203 10.58 -9.48 -13.82
CA ALA A 203 11.28 -9.83 -12.59
C ALA A 203 10.40 -10.72 -11.72
N HIS A 204 10.98 -11.82 -11.21
CA HIS A 204 10.28 -12.74 -10.33
C HIS A 204 11.05 -12.87 -9.04
N PRO A 205 10.66 -12.11 -8.01
CA PRO A 205 11.33 -12.08 -6.70
C PRO A 205 11.59 -13.44 -6.05
N ALA A 206 10.58 -14.30 -6.00
CA ALA A 206 10.69 -15.63 -5.38
C ALA A 206 11.83 -16.51 -5.90
N SER A 207 12.16 -16.38 -7.18
CA SER A 207 13.22 -17.20 -7.77
C SER A 207 14.50 -16.37 -7.99
N SER A 208 14.45 -15.11 -7.57
CA SER A 208 15.58 -14.20 -7.70
C SER A 208 15.98 -14.09 -9.18
N THR A 209 14.99 -14.09 -10.06
CA THR A 209 15.27 -14.00 -11.49
C THR A 209 14.62 -12.78 -12.12
N LYS A 210 15.26 -12.29 -13.17
CA LYS A 210 14.78 -11.15 -13.92
C LYS A 210 15.29 -11.35 -15.35
N VAL A 211 14.35 -11.47 -16.27
CA VAL A 211 14.68 -11.71 -17.66
C VAL A 211 14.11 -10.66 -18.60
N ASP A 212 14.74 -10.52 -19.76
CA ASP A 212 14.32 -9.58 -20.79
C ASP A 212 13.93 -10.38 -22.01
N LYS A 213 12.95 -9.88 -22.76
CA LYS A 213 12.54 -10.57 -23.97
C LYS A 213 12.28 -9.51 -25.03
N LYS A 214 13.14 -9.45 -26.04
CA LYS A 214 12.98 -8.49 -27.12
C LYS A 214 11.85 -8.95 -28.05
N ILE A 215 11.01 -8.01 -28.45
CA ILE A 215 9.89 -8.30 -29.33
C ILE A 215 10.23 -7.88 -30.76
N VAL A 216 10.42 -8.84 -31.65
CA VAL A 216 10.74 -8.50 -33.02
C VAL A 216 9.64 -9.03 -33.93
N PRO A 217 9.43 -8.38 -35.08
CA PRO A 217 8.40 -8.85 -36.01
C PRO A 217 8.61 -10.28 -36.49
N ARG A 218 7.51 -10.98 -36.72
CA ARG A 218 7.55 -12.35 -37.22
C ARG A 218 8.21 -12.35 -38.59
N ASP A 219 8.87 -13.44 -38.96
CA ASP A 219 9.56 -13.58 -40.25
C ASP A 219 8.75 -13.08 -41.46
N ASP B 1 -12.05 -0.70 21.14
CA ASP B 1 -11.28 -0.07 20.08
C ASP B 1 -12.20 0.64 19.11
N ILE B 2 -11.68 1.68 18.46
CA ILE B 2 -12.44 2.51 17.53
C ILE B 2 -12.69 1.88 16.19
N LEU B 3 -13.98 1.81 15.88
CA LEU B 3 -14.46 1.26 14.64
C LEU B 3 -14.60 2.42 13.68
N LEU B 4 -13.98 2.27 12.51
CA LEU B 4 -14.03 3.30 11.49
C LEU B 4 -14.91 2.79 10.34
N THR B 5 -16.05 3.42 10.10
CA THR B 5 -16.96 2.98 9.04
C THR B 5 -16.91 3.79 7.73
N GLN B 6 -16.60 3.12 6.61
CA GLN B 6 -16.55 3.80 5.30
C GLN B 6 -17.66 3.32 4.39
N SER B 7 -18.67 4.17 4.22
CA SER B 7 -19.82 3.85 3.41
C SER B 7 -20.22 5.03 2.56
N PRO B 8 -20.56 4.79 1.29
CA PRO B 8 -20.61 3.52 0.55
C PRO B 8 -19.24 2.89 0.23
N ALA B 9 -19.24 1.59 -0.07
CA ALA B 9 -17.99 0.90 -0.37
C ALA B 9 -17.43 1.23 -1.75
N ILE B 10 -18.32 1.67 -2.65
CA ILE B 10 -17.96 2.05 -4.02
C ILE B 10 -18.64 3.35 -4.42
N LEU B 11 -17.90 4.24 -5.06
CA LEU B 11 -18.45 5.53 -5.50
C LEU B 11 -18.21 5.72 -6.99
N SER B 12 -19.30 5.90 -7.74
CA SER B 12 -19.21 6.10 -9.18
C SER B 12 -19.49 7.57 -9.44
N VAL B 13 -18.56 8.24 -10.09
CA VAL B 13 -18.70 9.65 -10.38
C VAL B 13 -18.30 9.90 -11.83
N SER B 14 -18.75 11.01 -12.41
CA SER B 14 -18.40 11.36 -13.77
C SER B 14 -17.17 12.26 -13.69
N PRO B 15 -16.37 12.30 -14.77
CA PRO B 15 -15.15 13.11 -14.82
C PRO B 15 -15.33 14.59 -14.46
N GLY B 16 -14.38 15.15 -13.72
CA GLY B 16 -14.43 16.55 -13.34
C GLY B 16 -15.44 16.94 -12.27
N GLU B 17 -16.17 15.96 -11.78
CA GLU B 17 -17.17 16.21 -10.75
C GLU B 17 -16.50 16.10 -9.39
N ARG B 18 -17.01 16.83 -8.41
CA ARG B 18 -16.47 16.82 -7.05
C ARG B 18 -16.97 15.56 -6.36
N VAL B 19 -16.12 14.91 -5.57
CA VAL B 19 -16.50 13.68 -4.88
C VAL B 19 -16.17 13.73 -3.40
N SER B 20 -16.97 13.03 -2.60
CA SER B 20 -16.78 12.99 -1.16
C SER B 20 -16.85 11.57 -0.59
N PHE B 21 -15.78 11.18 0.09
CA PHE B 21 -15.72 9.88 0.74
C PHE B 21 -16.08 10.10 2.20
N SER B 22 -16.83 9.18 2.79
CA SER B 22 -17.24 9.31 4.19
C SER B 22 -16.51 8.34 5.12
N CYS B 23 -16.16 8.79 6.31
CA CYS B 23 -15.52 7.95 7.31
C CYS B 23 -16.12 8.32 8.67
N ARG B 24 -16.78 7.36 9.32
CA ARG B 24 -17.39 7.60 10.63
C ARG B 24 -16.77 6.76 11.76
N ALA B 25 -16.40 7.42 12.84
CA ALA B 25 -15.79 6.77 13.99
C ALA B 25 -16.86 6.41 15.02
N SER B 26 -16.69 5.27 15.67
CA SER B 26 -17.64 4.77 16.65
C SER B 26 -17.74 5.67 17.87
N GLN B 27 -16.73 6.53 18.05
CA GLN B 27 -16.72 7.50 19.14
C GLN B 27 -15.91 8.73 18.70
N SER B 28 -16.05 9.84 19.42
CA SER B 28 -15.36 11.07 19.05
C SER B 28 -13.84 10.97 19.12
N ILE B 29 -13.19 11.33 18.02
CA ILE B 29 -11.74 11.27 17.95
C ILE B 29 -11.07 12.60 17.58
N GLY B 30 -11.75 13.71 17.86
CA GLY B 30 -11.26 15.04 17.52
C GLY B 30 -11.02 15.11 16.04
N THR B 31 -9.79 15.41 15.65
CA THR B 31 -9.40 15.48 14.24
C THR B 31 -8.30 14.49 13.98
N ASP B 32 -8.18 13.47 14.83
CA ASP B 32 -7.10 12.51 14.67
C ASP B 32 -7.37 11.45 13.61
N ILE B 33 -7.70 11.89 12.41
CA ILE B 33 -7.99 10.98 11.29
C ILE B 33 -7.07 11.34 10.12
N HIS B 34 -6.61 10.30 9.42
CA HIS B 34 -5.70 10.44 8.30
C HIS B 34 -6.20 9.62 7.11
N TRP B 35 -5.98 10.13 5.90
CA TRP B 35 -6.42 9.45 4.70
C TRP B 35 -5.28 8.93 3.81
N TYR B 36 -5.49 7.72 3.29
CA TYR B 36 -4.52 7.10 2.41
C TYR B 36 -5.15 6.68 1.10
N GLN B 37 -4.35 6.75 0.04
CA GLN B 37 -4.78 6.33 -1.27
C GLN B 37 -3.99 5.07 -1.65
N GLN B 38 -4.64 4.05 -2.21
CA GLN B 38 -3.90 2.88 -2.64
C GLN B 38 -4.40 2.45 -4.04
N ARG B 39 -3.56 2.66 -5.03
CA ARG B 39 -3.89 2.28 -6.39
C ARG B 39 -3.62 0.78 -6.55
N THR B 40 -4.20 0.16 -7.59
CA THR B 40 -4.00 -1.26 -7.85
C THR B 40 -2.53 -1.65 -7.82
N ASN B 41 -2.22 -2.67 -7.02
CA ASN B 41 -0.86 -3.18 -6.88
C ASN B 41 0.14 -2.15 -6.36
N GLY B 42 -0.35 -1.09 -5.74
CA GLY B 42 0.55 -0.08 -5.23
C GLY B 42 0.47 -0.08 -3.71
N SER B 43 1.35 0.67 -3.08
CA SER B 43 1.33 0.74 -1.64
C SER B 43 0.51 1.95 -1.25
N PRO B 44 0.00 1.96 -0.01
CA PRO B 44 -0.79 3.09 0.46
C PRO B 44 0.02 4.39 0.43
N ARG B 45 -0.66 5.51 0.20
CA ARG B 45 -0.04 6.83 0.14
C ARG B 45 -0.82 7.83 0.95
N LEU B 46 -0.12 8.51 1.86
CA LEU B 46 -0.74 9.50 2.72
C LEU B 46 -1.27 10.67 1.87
N LEU B 47 -2.55 11.02 2.04
CA LEU B 47 -3.13 12.12 1.28
C LEU B 47 -3.41 13.33 2.15
N ILE B 48 -4.00 13.07 3.32
CA ILE B 48 -4.41 14.09 4.26
C ILE B 48 -4.15 13.61 5.69
N LYS B 49 -3.65 14.49 6.57
CA LYS B 49 -3.41 14.07 7.98
C LYS B 49 -4.21 14.98 8.90
N TYR B 50 -4.58 14.48 10.08
CA TYR B 50 -5.42 15.28 11.00
C TYR B 50 -6.57 15.97 10.32
N ALA B 51 -7.32 15.15 9.60
CA ALA B 51 -8.53 15.54 8.92
C ALA B 51 -8.45 16.48 7.75
N SER B 52 -7.58 17.48 7.84
CA SER B 52 -7.54 18.44 6.76
C SER B 52 -6.20 19.01 6.37
N GLU B 53 -5.13 18.49 6.96
CA GLU B 53 -3.80 19.01 6.65
C GLU B 53 -3.20 18.42 5.38
N SER B 54 -2.71 19.32 4.53
CA SER B 54 -2.12 18.96 3.25
C SER B 54 -0.77 18.24 3.40
N ILE B 55 -0.48 17.37 2.44
CA ILE B 55 0.79 16.66 2.41
C ILE B 55 1.47 17.13 1.13
N SER B 56 2.75 17.46 1.20
CA SER B 56 3.47 17.92 0.02
C SER B 56 3.53 16.79 -1.01
N GLY B 57 3.30 17.12 -2.27
CA GLY B 57 3.32 16.15 -3.33
C GLY B 57 1.93 15.72 -3.77
N ILE B 58 0.95 15.99 -2.91
CA ILE B 58 -0.43 15.65 -3.18
C ILE B 58 -1.12 16.84 -3.85
N PRO B 59 -1.85 16.60 -4.95
CA PRO B 59 -2.59 17.59 -5.72
C PRO B 59 -3.55 18.44 -4.89
N SER B 60 -3.64 19.73 -5.18
CA SER B 60 -4.52 20.65 -4.44
C SER B 60 -5.98 20.18 -4.42
N ARG B 61 -6.31 19.34 -5.39
CA ARG B 61 -7.64 18.75 -5.56
C ARG B 61 -8.16 18.04 -4.31
N PHE B 62 -7.25 17.48 -3.53
CA PHE B 62 -7.58 16.72 -2.33
C PHE B 62 -7.72 17.62 -1.12
N SER B 63 -8.78 17.40 -0.36
CA SER B 63 -9.02 18.17 0.84
C SER B 63 -9.80 17.29 1.79
N GLY B 64 -9.71 17.61 3.07
CA GLY B 64 -10.42 16.87 4.07
C GLY B 64 -11.14 17.82 4.99
N SER B 65 -12.16 17.32 5.69
CA SER B 65 -12.93 18.11 6.64
C SER B 65 -13.54 17.14 7.64
N GLY B 66 -14.06 17.71 8.73
CA GLY B 66 -14.71 16.98 9.81
C GLY B 66 -13.96 16.99 11.12
N SER B 67 -14.68 16.64 12.17
CA SER B 67 -14.14 16.54 13.51
C SER B 67 -15.19 15.79 14.29
N GLY B 68 -14.80 15.16 15.40
CA GLY B 68 -15.71 14.40 16.23
C GLY B 68 -15.79 12.95 15.75
N THR B 69 -16.93 12.59 15.16
CA THR B 69 -17.17 11.25 14.64
C THR B 69 -17.34 11.23 13.12
N ASP B 70 -17.59 12.38 12.49
CA ASP B 70 -17.80 12.37 11.04
C ASP B 70 -16.75 13.12 10.22
N PHE B 71 -16.13 12.40 9.27
CA PHE B 71 -15.08 12.94 8.42
C PHE B 71 -15.32 12.73 6.93
N THR B 72 -14.74 13.63 6.13
CA THR B 72 -14.92 13.58 4.70
C THR B 72 -13.64 13.84 3.96
N LEU B 73 -13.41 13.06 2.91
CA LEU B 73 -12.25 13.30 2.06
C LEU B 73 -12.86 13.73 0.71
N SER B 74 -12.48 14.89 0.19
CA SER B 74 -13.03 15.36 -1.09
C SER B 74 -12.00 15.57 -2.17
N ILE B 75 -12.45 15.38 -3.41
CA ILE B 75 -11.62 15.59 -4.58
C ILE B 75 -12.36 16.53 -5.54
N ASN B 76 -11.77 17.68 -5.84
CA ASN B 76 -12.38 18.62 -6.78
C ASN B 76 -11.97 18.22 -8.17
N SER B 77 -12.95 17.90 -9.01
CA SER B 77 -12.68 17.52 -10.39
C SER B 77 -11.85 16.25 -10.50
N VAL B 78 -12.51 15.11 -10.40
CA VAL B 78 -11.85 13.82 -10.50
C VAL B 78 -11.33 13.50 -11.90
N GLU B 79 -10.20 12.81 -11.95
CA GLU B 79 -9.59 12.36 -13.18
C GLU B 79 -9.13 10.95 -12.95
N SER B 80 -8.89 10.26 -14.06
CA SER B 80 -8.49 8.86 -14.09
C SER B 80 -7.48 8.40 -13.02
N GLU B 81 -6.42 9.17 -12.78
CA GLU B 81 -5.40 8.77 -11.80
C GLU B 81 -5.97 8.66 -10.38
N ASP B 82 -7.17 9.19 -10.14
CA ASP B 82 -7.74 9.10 -8.81
C ASP B 82 -8.44 7.77 -8.57
N ILE B 83 -8.52 6.94 -9.60
CA ILE B 83 -9.14 5.64 -9.46
C ILE B 83 -8.23 4.83 -8.53
N ALA B 84 -8.78 4.44 -7.38
CA ALA B 84 -8.06 3.71 -6.34
C ALA B 84 -8.96 3.44 -5.15
N ASN B 85 -8.37 2.82 -4.14
CA ASN B 85 -9.07 2.55 -2.91
C ASN B 85 -8.63 3.60 -1.91
N TYR B 86 -9.57 4.10 -1.13
CA TYR B 86 -9.28 5.12 -0.15
C TYR B 86 -9.61 4.64 1.25
N TYR B 87 -8.64 4.81 2.16
CA TYR B 87 -8.82 4.37 3.55
C TYR B 87 -8.64 5.49 4.57
N CYS B 88 -9.44 5.47 5.63
CA CYS B 88 -9.23 6.44 6.71
C CYS B 88 -8.56 5.64 7.83
N GLN B 89 -7.87 6.34 8.73
CA GLN B 89 -7.14 5.71 9.84
C GLN B 89 -7.11 6.68 11.00
N GLN B 90 -7.36 6.19 12.21
CA GLN B 90 -7.37 7.04 13.39
C GLN B 90 -6.17 6.79 14.32
N SER B 91 -5.73 7.84 15.01
CA SER B 91 -4.63 7.76 15.93
C SER B 91 -5.03 8.41 17.25
N ASN B 92 -6.33 8.50 17.50
CA ASN B 92 -6.81 9.06 18.75
C ASN B 92 -6.63 8.17 19.97
N ARG B 93 -6.94 6.88 19.79
CA ARG B 93 -6.82 5.89 20.87
C ARG B 93 -6.09 4.66 20.39
N TRP B 94 -5.43 3.98 21.32
CA TRP B 94 -4.71 2.76 20.99
C TRP B 94 -5.69 1.61 21.01
N PRO B 95 -5.58 0.71 20.03
CA PRO B 95 -4.66 0.73 18.90
C PRO B 95 -5.19 1.50 17.70
N PHE B 96 -4.29 1.92 16.82
CA PHE B 96 -4.67 2.62 15.59
C PHE B 96 -5.56 1.66 14.82
N THR B 97 -6.55 2.18 14.10
CA THR B 97 -7.43 1.31 13.33
C THR B 97 -7.68 1.94 11.97
N PHE B 98 -8.04 1.09 11.01
CA PHE B 98 -8.32 1.49 9.63
C PHE B 98 -9.78 1.30 9.26
N GLY B 99 -10.22 2.14 8.34
CA GLY B 99 -11.57 2.02 7.84
C GLY B 99 -11.57 0.88 6.84
N SER B 100 -12.77 0.48 6.47
CA SER B 100 -12.92 -0.66 5.58
C SER B 100 -12.66 -0.40 4.11
N GLY B 101 -12.42 0.87 3.75
CA GLY B 101 -12.09 1.25 2.39
C GLY B 101 -13.24 1.58 1.44
N THR B 102 -13.01 2.56 0.56
CA THR B 102 -13.99 2.95 -0.45
C THR B 102 -13.30 2.97 -1.81
N LYS B 103 -13.91 2.34 -2.81
CA LYS B 103 -13.34 2.30 -4.16
C LYS B 103 -13.94 3.43 -5.01
N LEU B 104 -13.08 4.13 -5.75
CA LEU B 104 -13.53 5.20 -6.62
C LEU B 104 -13.69 4.69 -8.06
N GLU B 105 -14.86 4.89 -8.64
CA GLU B 105 -15.12 4.46 -10.02
C GLU B 105 -15.51 5.65 -10.89
N ILE B 106 -14.94 5.73 -12.07
CA ILE B 106 -15.25 6.83 -12.97
C ILE B 106 -16.08 6.36 -14.16
N LYS B 107 -17.18 7.03 -14.41
CA LYS B 107 -18.08 6.70 -15.53
C LYS B 107 -17.76 7.53 -16.76
N ARG B 108 -16.96 6.97 -17.65
CA ARG B 108 -16.59 7.68 -18.87
C ARG B 108 -17.50 7.32 -20.04
N ALA B 109 -17.16 7.88 -21.20
CA ALA B 109 -17.92 7.63 -22.40
C ALA B 109 -17.65 6.21 -22.87
N ASP B 110 -18.62 5.60 -23.53
CA ASP B 110 -18.46 4.24 -24.01
C ASP B 110 -17.30 4.19 -24.99
N ALA B 111 -16.59 3.07 -25.02
CA ALA B 111 -15.47 2.90 -25.90
C ALA B 111 -15.36 1.47 -26.37
N ALA B 112 -15.26 1.28 -27.69
CA ALA B 112 -15.13 -0.05 -28.26
C ALA B 112 -13.73 -0.58 -27.98
N PRO B 113 -13.60 -1.90 -27.79
CA PRO B 113 -12.30 -2.51 -27.52
C PRO B 113 -11.37 -2.60 -28.73
N THR B 114 -10.06 -2.49 -28.52
CA THR B 114 -9.10 -2.65 -29.59
C THR B 114 -8.66 -4.09 -29.46
N VAL B 115 -8.95 -4.91 -30.47
CA VAL B 115 -8.64 -6.33 -30.40
C VAL B 115 -7.38 -6.69 -31.19
N SER B 116 -6.53 -7.51 -30.56
CA SER B 116 -5.29 -7.98 -31.15
C SER B 116 -5.16 -9.45 -30.85
N ILE B 117 -4.78 -10.24 -31.84
CA ILE B 117 -4.61 -11.66 -31.65
C ILE B 117 -3.15 -12.01 -31.92
N PHE B 118 -2.60 -12.92 -31.12
CA PHE B 118 -1.21 -13.33 -31.25
C PHE B 118 -0.97 -14.83 -31.32
N PRO B 119 -0.23 -15.27 -32.33
CA PRO B 119 0.17 -16.66 -32.60
C PRO B 119 1.22 -17.11 -31.59
N PRO B 120 1.27 -18.42 -31.30
CA PRO B 120 2.26 -18.93 -30.34
C PRO B 120 3.68 -18.61 -30.79
N SER B 121 4.60 -18.40 -29.84
CA SER B 121 5.98 -18.08 -30.18
C SER B 121 6.75 -19.30 -30.64
N SER B 122 7.83 -19.08 -31.37
CA SER B 122 8.64 -20.22 -31.81
C SER B 122 9.31 -20.81 -30.58
N GLU B 123 9.65 -19.94 -29.63
CA GLU B 123 10.29 -20.37 -28.38
C GLU B 123 9.39 -21.28 -27.56
N GLN B 124 8.10 -20.97 -27.52
CA GLN B 124 7.15 -21.78 -26.76
C GLN B 124 6.91 -23.12 -27.44
N LEU B 125 6.67 -23.10 -28.75
CA LEU B 125 6.43 -24.32 -29.53
C LEU B 125 7.55 -25.34 -29.33
N THR B 126 8.77 -24.83 -29.20
CA THR B 126 9.98 -25.62 -28.98
C THR B 126 9.88 -26.43 -27.69
N SER B 127 8.96 -26.03 -26.81
CA SER B 127 8.77 -26.71 -25.54
C SER B 127 7.56 -27.62 -25.59
N GLY B 128 6.98 -27.77 -26.78
CA GLY B 128 5.82 -28.64 -26.94
C GLY B 128 4.51 -28.01 -26.53
N GLY B 129 4.48 -26.69 -26.41
CA GLY B 129 3.28 -25.98 -26.03
C GLY B 129 2.93 -24.83 -26.96
N ALA B 130 1.65 -24.50 -27.04
CA ALA B 130 1.21 -23.40 -27.90
C ALA B 130 0.08 -22.58 -27.27
N SER B 131 0.36 -21.32 -26.97
CA SER B 131 -0.63 -20.44 -26.38
C SER B 131 -0.97 -19.31 -27.35
N VAL B 132 -2.26 -19.15 -27.64
CA VAL B 132 -2.72 -18.09 -28.51
C VAL B 132 -3.32 -17.05 -27.59
N VAL B 133 -2.79 -15.83 -27.65
CA VAL B 133 -3.23 -14.77 -26.76
C VAL B 133 -3.99 -13.71 -27.54
N CYS B 134 -5.10 -13.27 -26.97
CA CYS B 134 -5.92 -12.23 -27.58
C CYS B 134 -6.15 -11.11 -26.54
N PHE B 135 -5.91 -9.87 -26.94
CA PHE B 135 -6.11 -8.71 -26.07
C PHE B 135 -7.33 -7.90 -26.48
N LEU B 136 -8.16 -7.56 -25.50
CA LEU B 136 -9.33 -6.73 -25.70
C LEU B 136 -9.01 -5.50 -24.84
N ASN B 137 -8.44 -4.49 -25.49
CA ASN B 137 -7.96 -3.30 -24.79
C ASN B 137 -8.74 -1.99 -24.84
N ASN B 138 -8.70 -1.30 -23.71
CA ASN B 138 -9.29 0.02 -23.50
C ASN B 138 -10.74 0.20 -23.92
N PHE B 139 -11.61 -0.60 -23.34
CA PHE B 139 -13.03 -0.50 -23.66
C PHE B 139 -13.81 -0.06 -22.44
N TYR B 140 -15.06 0.35 -22.66
CA TYR B 140 -15.92 0.78 -21.57
C TYR B 140 -17.35 0.80 -22.09
N PRO B 141 -18.32 0.26 -21.31
CA PRO B 141 -18.26 -0.38 -19.99
C PRO B 141 -17.47 -1.68 -19.95
N LYS B 142 -17.20 -2.19 -18.75
CA LYS B 142 -16.40 -3.40 -18.61
C LYS B 142 -17.05 -4.74 -19.01
N ASP B 143 -18.36 -4.74 -19.20
CA ASP B 143 -19.06 -5.95 -19.60
C ASP B 143 -18.66 -6.31 -21.02
N ILE B 144 -18.09 -7.50 -21.19
CA ILE B 144 -17.68 -7.91 -22.52
C ILE B 144 -17.52 -9.43 -22.58
N ASN B 145 -17.73 -9.99 -23.77
CA ASN B 145 -17.60 -11.43 -24.00
C ASN B 145 -16.65 -11.70 -25.14
N VAL B 146 -15.85 -12.75 -24.98
CA VAL B 146 -14.89 -13.14 -25.99
C VAL B 146 -15.20 -14.57 -26.37
N LYS B 147 -15.10 -14.87 -27.65
CA LYS B 147 -15.37 -16.20 -28.15
C LYS B 147 -14.23 -16.64 -29.05
N TRP B 148 -13.82 -17.90 -28.88
CA TRP B 148 -12.78 -18.48 -29.70
C TRP B 148 -13.39 -19.43 -30.70
N LYS B 149 -12.82 -19.44 -31.89
CA LYS B 149 -13.27 -20.32 -32.96
C LYS B 149 -12.07 -20.92 -33.65
N ILE B 150 -12.06 -22.24 -33.80
CA ILE B 150 -10.96 -22.89 -34.50
C ILE B 150 -11.53 -23.54 -35.77
N ASP B 151 -10.98 -23.14 -36.92
CA ASP B 151 -11.43 -23.64 -38.21
C ASP B 151 -12.94 -23.45 -38.30
N GLY B 152 -13.40 -22.31 -37.82
CA GLY B 152 -14.81 -21.97 -37.86
C GLY B 152 -15.64 -22.59 -36.75
N SER B 153 -15.04 -23.43 -35.91
CA SER B 153 -15.82 -24.05 -34.84
C SER B 153 -15.43 -23.54 -33.46
N GLU B 154 -16.43 -23.00 -32.76
CA GLU B 154 -16.27 -22.45 -31.41
C GLU B 154 -15.51 -23.40 -30.51
N ARG B 155 -14.56 -22.85 -29.75
CA ARG B 155 -13.76 -23.67 -28.84
C ARG B 155 -13.93 -23.10 -27.43
N GLN B 156 -14.03 -23.99 -26.44
CA GLN B 156 -14.21 -23.55 -25.05
C GLN B 156 -13.16 -24.12 -24.10
N ASN B 157 -12.72 -25.35 -24.36
CA ASN B 157 -11.72 -25.98 -23.51
C ASN B 157 -10.36 -25.32 -23.66
N GLY B 158 -9.62 -25.21 -22.56
CA GLY B 158 -8.30 -24.60 -22.59
C GLY B 158 -8.23 -23.09 -22.57
N VAL B 159 -9.37 -22.43 -22.38
CA VAL B 159 -9.44 -20.96 -22.33
C VAL B 159 -9.52 -20.33 -20.94
N LEU B 160 -8.61 -19.39 -20.65
CA LEU B 160 -8.56 -18.65 -19.39
C LEU B 160 -8.56 -17.17 -19.70
N ASN B 161 -9.43 -16.45 -19.01
CA ASN B 161 -9.59 -14.99 -19.19
C ASN B 161 -9.13 -14.21 -17.99
N SER B 162 -8.78 -12.95 -18.21
CA SER B 162 -8.34 -12.08 -17.13
C SER B 162 -8.81 -10.66 -17.43
N TRP B 163 -9.37 -10.00 -16.42
CA TRP B 163 -9.86 -8.64 -16.55
C TRP B 163 -9.12 -7.73 -15.62
N THR B 164 -8.72 -6.57 -16.12
CA THR B 164 -8.05 -5.61 -15.29
C THR B 164 -9.12 -4.84 -14.50
N ASP B 165 -8.69 -4.05 -13.53
CA ASP B 165 -9.59 -3.19 -12.77
C ASP B 165 -9.62 -1.98 -13.64
N GLN B 166 -10.50 -1.02 -13.32
CA GLN B 166 -10.55 0.17 -14.15
C GLN B 166 -9.14 0.78 -14.15
N ASP B 167 -8.72 1.16 -15.35
CA ASP B 167 -7.40 1.71 -15.57
C ASP B 167 -7.29 3.18 -15.16
N SER B 168 -6.29 3.48 -14.35
CA SER B 168 -6.06 4.84 -13.85
C SER B 168 -5.44 5.75 -14.90
N LYS B 169 -5.29 5.28 -16.12
CA LYS B 169 -4.69 6.09 -17.16
C LYS B 169 -5.78 6.76 -17.99
N ASP B 170 -6.86 6.02 -18.29
CA ASP B 170 -7.96 6.54 -19.13
C ASP B 170 -9.37 6.08 -18.71
N SER B 171 -9.49 5.53 -17.51
CA SER B 171 -10.76 5.06 -16.94
C SER B 171 -11.41 3.91 -17.73
N THR B 172 -10.64 3.21 -18.57
CA THR B 172 -11.20 2.08 -19.32
C THR B 172 -10.83 0.75 -18.69
N TYR B 173 -11.27 -0.32 -19.33
CA TYR B 173 -10.95 -1.65 -18.88
C TYR B 173 -10.30 -2.39 -20.02
N SER B 174 -9.63 -3.47 -19.68
CA SER B 174 -8.97 -4.32 -20.67
C SER B 174 -9.11 -5.76 -20.23
N MET B 175 -8.99 -6.66 -21.18
CA MET B 175 -9.14 -8.07 -20.91
C MET B 175 -8.23 -8.92 -21.78
N SER B 176 -7.70 -10.01 -21.22
CA SER B 176 -6.87 -10.90 -22.01
C SER B 176 -7.57 -12.25 -22.02
N SER B 177 -7.46 -12.97 -23.12
CA SER B 177 -8.06 -14.29 -23.25
C SER B 177 -6.98 -15.17 -23.82
N THR B 178 -6.63 -16.22 -23.08
CA THR B 178 -5.56 -17.10 -23.52
C THR B 178 -6.03 -18.52 -23.72
N LEU B 179 -5.86 -18.99 -24.96
CA LEU B 179 -6.20 -20.35 -25.36
C LEU B 179 -4.91 -21.16 -25.43
N THR B 180 -4.76 -22.08 -24.48
CA THR B 180 -3.57 -22.90 -24.41
C THR B 180 -3.84 -24.30 -24.91
N LEU B 181 -3.02 -24.76 -25.85
CA LEU B 181 -3.14 -26.08 -26.45
C LEU B 181 -1.78 -26.72 -26.54
N THR B 182 -1.74 -28.02 -26.76
CA THR B 182 -0.48 -28.72 -26.91
C THR B 182 0.01 -28.41 -28.31
N LYS B 183 1.31 -28.58 -28.53
CA LYS B 183 1.89 -28.32 -29.84
C LYS B 183 1.12 -29.15 -30.86
N ASP B 184 0.83 -30.40 -30.51
CA ASP B 184 0.08 -31.32 -31.37
C ASP B 184 -1.31 -30.78 -31.72
N GLU B 185 -2.11 -30.48 -30.69
CA GLU B 185 -3.46 -29.96 -30.89
C GLU B 185 -3.43 -28.72 -31.79
N TYR B 186 -2.41 -27.88 -31.63
CA TYR B 186 -2.26 -26.68 -32.43
C TYR B 186 -1.91 -27.02 -33.88
N GLU B 187 -1.11 -28.08 -34.06
CA GLU B 187 -0.69 -28.49 -35.41
C GLU B 187 -1.84 -29.09 -36.22
N ARG B 188 -2.88 -29.59 -35.56
CA ARG B 188 -3.98 -30.18 -36.31
C ARG B 188 -5.19 -29.27 -36.57
N HIS B 189 -4.94 -27.97 -36.57
CA HIS B 189 -5.97 -26.97 -36.86
C HIS B 189 -5.37 -25.84 -37.69
N ASN B 190 -6.16 -25.27 -38.60
CA ASN B 190 -5.65 -24.22 -39.47
C ASN B 190 -5.81 -22.80 -38.91
N SER B 191 -7.04 -22.28 -38.91
CA SER B 191 -7.25 -20.91 -38.45
C SER B 191 -7.79 -20.79 -37.02
N TYR B 192 -7.29 -19.75 -36.36
CA TYR B 192 -7.66 -19.41 -35.00
C TYR B 192 -8.21 -17.99 -35.03
N THR B 193 -9.34 -17.80 -34.37
CA THR B 193 -9.97 -16.49 -34.37
C THR B 193 -10.48 -16.06 -32.99
N CYS B 194 -10.38 -14.78 -32.72
CA CYS B 194 -10.85 -14.22 -31.47
C CYS B 194 -11.93 -13.20 -31.80
N GLU B 195 -13.08 -13.28 -31.13
CA GLU B 195 -14.16 -12.33 -31.40
C GLU B 195 -14.59 -11.63 -30.14
N ALA B 196 -14.72 -10.32 -30.22
CA ALA B 196 -15.13 -9.55 -29.06
C ALA B 196 -16.52 -8.99 -29.32
N THR B 197 -17.41 -9.21 -28.37
CA THR B 197 -18.76 -8.71 -28.48
C THR B 197 -18.92 -7.67 -27.39
N HIS B 198 -19.17 -6.44 -27.78
CA HIS B 198 -19.29 -5.38 -26.81
C HIS B 198 -20.43 -4.45 -27.15
N LYS B 199 -21.02 -3.90 -26.10
CA LYS B 199 -22.13 -2.97 -26.16
C LYS B 199 -22.02 -1.89 -27.25
N THR B 200 -20.78 -1.47 -27.53
CA THR B 200 -20.52 -0.43 -28.52
C THR B 200 -20.84 -0.78 -29.96
N SER B 201 -21.15 -2.05 -30.22
CA SER B 201 -21.45 -2.47 -31.57
C SER B 201 -22.35 -3.68 -31.60
N THR B 202 -23.31 -3.65 -32.52
CA THR B 202 -24.25 -4.76 -32.68
C THR B 202 -23.49 -5.92 -33.30
N SER B 203 -22.40 -5.61 -33.99
CA SER B 203 -21.63 -6.67 -34.61
C SER B 203 -20.34 -6.85 -33.85
N PRO B 204 -19.92 -8.12 -33.70
CA PRO B 204 -18.70 -8.44 -32.98
C PRO B 204 -17.46 -7.96 -33.72
N ILE B 205 -16.38 -7.71 -32.99
CA ILE B 205 -15.15 -7.30 -33.61
C ILE B 205 -14.35 -8.59 -33.61
N VAL B 206 -13.98 -9.05 -34.79
CA VAL B 206 -13.26 -10.32 -34.87
C VAL B 206 -11.87 -10.13 -35.47
N LYS B 207 -10.93 -10.90 -34.94
CA LYS B 207 -9.53 -10.94 -35.35
C LYS B 207 -9.18 -12.41 -35.48
N SER B 208 -8.48 -12.71 -36.57
CA SER B 208 -8.08 -14.08 -36.89
C SER B 208 -6.68 -14.12 -37.45
N PHE B 209 -6.19 -15.33 -37.69
CA PHE B 209 -4.88 -15.52 -38.28
C PHE B 209 -4.83 -16.99 -38.68
N ASN B 210 -4.12 -17.27 -39.77
CA ASN B 210 -3.97 -18.64 -40.23
C ASN B 210 -2.60 -19.12 -39.82
N ARG B 211 -2.50 -20.37 -39.39
CA ARG B 211 -1.23 -20.95 -38.93
C ARG B 211 -0.16 -20.90 -40.05
N ASN B 212 -0.61 -20.78 -41.29
CA ASN B 212 0.30 -20.72 -42.44
C ASN B 212 0.64 -19.28 -42.83
N SER C 29 26.49 32.92 40.98
CA SER C 29 25.69 33.75 41.85
C SER C 29 25.27 33.00 43.12
N ALA C 30 24.37 33.60 43.90
CA ALA C 30 23.89 32.97 45.14
C ALA C 30 23.20 31.61 44.93
N LEU C 31 23.19 30.82 46.00
CA LEU C 31 22.59 29.50 45.98
C LEU C 31 21.12 29.43 45.52
N HIS C 32 20.24 30.23 46.14
CA HIS C 32 18.82 30.17 45.78
C HIS C 32 18.54 30.44 44.30
N TRP C 33 19.36 31.27 43.67
CA TRP C 33 19.21 31.55 42.24
C TRP C 33 19.73 30.37 41.44
N ARG C 34 20.86 29.80 41.88
CA ARG C 34 21.43 28.66 41.17
C ARG C 34 20.47 27.50 41.25
N ALA C 35 19.91 27.26 42.45
CA ALA C 35 18.97 26.17 42.62
C ALA C 35 17.72 26.39 41.78
N ALA C 36 17.27 27.65 41.67
CA ALA C 36 16.09 27.95 40.88
C ALA C 36 16.37 27.64 39.43
N GLY C 37 17.53 28.09 38.95
CA GLY C 37 17.90 27.84 37.58
C GLY C 37 18.01 26.35 37.34
N ALA C 38 18.69 25.65 38.25
CA ALA C 38 18.87 24.22 38.12
C ALA C 38 17.53 23.48 38.10
N ALA C 39 16.63 23.89 38.99
CA ALA C 39 15.31 23.28 39.07
C ALA C 39 14.53 23.46 37.78
N THR C 40 14.66 24.63 37.15
CA THR C 40 13.97 24.92 35.89
C THR C 40 14.45 24.05 34.74
N VAL C 41 15.76 23.93 34.61
CA VAL C 41 16.37 23.13 33.57
C VAL C 41 16.00 21.67 33.76
N LEU C 42 16.02 21.25 35.01
CA LEU C 42 15.71 19.89 35.37
C LEU C 42 14.26 19.58 35.05
N LEU C 43 13.39 20.55 35.32
CA LEU C 43 11.96 20.41 35.06
C LEU C 43 11.71 20.18 33.59
N VAL C 44 12.40 20.96 32.75
CA VAL C 44 12.29 20.85 31.30
C VAL C 44 12.74 19.46 30.84
N ILE C 45 13.75 18.91 31.49
CA ILE C 45 14.26 17.59 31.15
C ILE C 45 13.23 16.52 31.53
N VAL C 46 12.62 16.69 32.70
CA VAL C 46 11.59 15.76 33.15
C VAL C 46 10.36 15.83 32.24
N LEU C 47 10.02 17.02 31.75
CA LEU C 47 8.87 17.13 30.85
C LEU C 47 9.17 16.39 29.56
N LEU C 48 10.37 16.56 29.02
CA LEU C 48 10.75 15.88 27.78
C LEU C 48 10.87 14.37 27.98
N ALA C 49 11.56 13.95 29.02
CA ALA C 49 11.71 12.53 29.28
C ALA C 49 10.36 11.92 29.57
N GLY C 50 9.55 12.62 30.36
CA GLY C 50 8.22 12.15 30.72
C GLY C 50 7.27 11.99 29.55
N SER C 51 7.35 12.89 28.58
CA SER C 51 6.50 12.80 27.42
C SER C 51 6.81 11.55 26.63
N TYR C 52 8.11 11.34 26.40
CA TYR C 52 8.59 10.18 25.67
C TYR C 52 8.23 8.88 26.41
N LEU C 53 8.51 8.83 27.71
CA LEU C 53 8.23 7.63 28.50
C LEU C 53 6.72 7.33 28.65
N ALA C 54 5.89 8.36 28.68
CA ALA C 54 4.45 8.16 28.82
C ALA C 54 3.90 7.45 27.58
N VAL C 55 4.33 7.85 26.39
CA VAL C 55 3.87 7.21 25.16
C VAL C 55 4.31 5.75 25.13
N LEU C 56 5.54 5.49 25.55
CA LEU C 56 6.06 4.12 25.58
C LEU C 56 5.23 3.23 26.48
N ALA C 57 4.84 3.79 27.62
CA ALA C 57 4.05 3.08 28.61
C ALA C 57 2.58 2.91 28.25
N GLU C 58 2.01 3.90 27.58
CA GLU C 58 0.60 3.86 27.24
C GLU C 58 0.24 3.09 25.96
N ARG C 59 1.11 3.08 24.94
CA ARG C 59 0.78 2.32 23.74
C ARG C 59 0.76 0.88 24.17
N GLY C 60 -0.23 0.13 23.69
CA GLY C 60 -0.38 -1.26 24.08
C GLY C 60 -1.56 -1.43 25.02
N ALA C 61 -2.08 -0.30 25.51
CA ALA C 61 -3.24 -0.27 26.40
C ALA C 61 -4.46 0.28 25.65
N PRO C 62 -5.43 -0.58 25.37
CA PRO C 62 -6.64 -0.21 24.65
C PRO C 62 -7.34 0.99 25.28
N GLY C 63 -7.61 2.03 24.51
CA GLY C 63 -8.28 3.21 25.06
C GLY C 63 -7.33 4.34 25.44
N ALA C 64 -6.05 4.04 25.60
CA ALA C 64 -5.12 5.07 25.98
C ALA C 64 -5.11 6.14 24.89
N GLN C 65 -5.02 7.39 25.34
CA GLN C 65 -5.01 8.54 24.45
C GLN C 65 -3.68 9.27 24.48
N LEU C 66 -2.90 9.00 25.52
CA LEU C 66 -1.62 9.63 25.72
C LEU C 66 -0.61 8.80 24.95
N ILE C 67 -0.77 8.79 23.63
CA ILE C 67 -0.01 7.94 22.71
C ILE C 67 0.76 8.60 21.53
N THR C 68 0.81 9.93 21.44
CA THR C 68 1.60 10.59 20.39
C THR C 68 2.44 11.65 21.11
N TYR C 69 3.68 11.89 20.67
CA TYR C 69 4.55 12.80 21.45
C TYR C 69 4.15 14.27 21.65
N PRO C 70 3.67 14.96 20.61
CA PRO C 70 3.29 16.37 20.78
C PRO C 70 2.26 16.61 21.90
N ARG C 71 1.15 15.88 21.91
CA ARG C 71 0.17 16.10 22.97
C ARG C 71 0.66 15.59 24.33
N ALA C 72 1.58 14.64 24.31
CA ALA C 72 2.14 14.14 25.57
C ALA C 72 2.98 15.21 26.22
N LEU C 73 3.63 16.02 25.41
CA LEU C 73 4.44 17.09 25.94
C LEU C 73 3.48 18.10 26.58
N TRP C 74 2.36 18.38 25.91
CA TRP C 74 1.34 19.28 26.43
C TRP C 74 0.80 18.71 27.74
N TRP C 75 0.51 17.41 27.73
CA TRP C 75 0.02 16.70 28.90
C TRP C 75 0.99 16.81 30.06
N SER C 76 2.26 16.65 29.77
CA SER C 76 3.29 16.69 30.81
C SER C 76 3.34 18.09 31.48
N VAL C 77 3.15 19.15 30.70
CA VAL C 77 3.16 20.51 31.23
C VAL C 77 1.96 20.80 32.16
N GLU C 78 0.76 20.46 31.72
CA GLU C 78 -0.45 20.68 32.51
C GLU C 78 -0.48 19.76 33.72
N THR C 79 0.39 18.76 33.72
CA THR C 79 0.52 17.85 34.85
C THR C 79 1.52 18.45 35.82
N ALA C 80 2.65 18.92 35.31
CA ALA C 80 3.69 19.53 36.16
C ALA C 80 3.19 20.80 36.84
N THR C 81 2.29 21.54 36.17
CA THR C 81 1.76 22.78 36.73
C THR C 81 0.55 22.50 37.65
N THR C 82 0.11 21.24 37.68
CA THR C 82 -1.05 20.72 38.44
C THR C 82 -2.44 21.22 37.93
N VAL C 83 -2.53 21.64 36.67
CA VAL C 83 -3.82 22.08 36.15
C VAL C 83 -4.77 20.86 35.98
N GLY C 84 -4.30 19.83 35.28
CA GLY C 84 -5.07 18.61 35.13
C GLY C 84 -6.49 18.76 34.62
N TYR C 85 -6.58 19.30 33.41
CA TYR C 85 -7.86 19.52 32.74
C TYR C 85 -8.72 18.28 32.63
N GLY C 86 -8.04 17.17 32.31
CA GLY C 86 -8.70 15.90 32.10
C GLY C 86 -8.85 15.54 30.62
N ASP C 87 -8.23 16.34 29.74
CA ASP C 87 -8.29 16.07 28.29
C ASP C 87 -7.37 14.89 27.97
N LEU C 88 -6.32 14.75 28.77
CA LEU C 88 -5.36 13.65 28.61
C LEU C 88 -4.86 13.20 29.98
N TYR C 89 -4.66 11.88 30.12
CA TYR C 89 -4.14 11.30 31.35
C TYR C 89 -3.77 9.86 31.11
N PRO C 90 -2.81 9.34 31.88
CA PRO C 90 -2.34 7.95 31.78
C PRO C 90 -3.32 6.91 32.35
N VAL C 91 -3.40 5.72 31.76
CA VAL C 91 -4.29 4.65 32.26
C VAL C 91 -3.50 3.41 32.73
N THR C 92 -2.23 3.35 32.36
CA THR C 92 -1.38 2.22 32.75
C THR C 92 -0.56 2.49 34.03
N LEU C 93 -0.04 1.44 34.67
CA LEU C 93 0.78 1.57 35.86
C LEU C 93 2.01 2.47 35.64
N TRP C 94 2.82 2.15 34.64
CA TRP C 94 4.02 2.94 34.38
C TRP C 94 3.74 4.36 33.89
N GLY C 95 2.67 4.55 33.15
CA GLY C 95 2.33 5.87 32.68
C GLY C 95 1.95 6.71 33.88
N ARG C 96 1.29 6.07 34.85
CA ARG C 96 0.92 6.79 36.04
C ARG C 96 2.11 7.08 36.94
N LEU C 97 3.06 6.15 37.01
CA LEU C 97 4.27 6.38 37.80
C LEU C 97 5.05 7.53 37.16
N VAL C 98 5.12 7.54 35.83
CA VAL C 98 5.80 8.62 35.13
C VAL C 98 5.08 9.93 35.49
N ALA C 99 3.75 9.89 35.48
CA ALA C 99 2.95 11.06 35.83
C ALA C 99 3.27 11.56 37.24
N VAL C 100 3.43 10.64 38.19
CA VAL C 100 3.72 11.07 39.56
C VAL C 100 5.06 11.79 39.66
N VAL C 101 6.05 11.32 38.90
CA VAL C 101 7.37 11.95 38.88
C VAL C 101 7.25 13.35 38.29
N VAL C 102 6.46 13.48 37.23
CA VAL C 102 6.25 14.76 36.57
C VAL C 102 5.58 15.74 37.56
N MET C 103 4.56 15.26 38.27
CA MET C 103 3.85 16.08 39.27
C MET C 103 4.80 16.60 40.35
N VAL C 104 5.53 15.68 40.98
CA VAL C 104 6.45 16.04 42.05
C VAL C 104 7.57 16.97 41.58
N ALA C 105 8.10 16.74 40.39
CA ALA C 105 9.17 17.58 39.85
C ALA C 105 8.62 18.99 39.63
N GLY C 106 7.41 19.06 39.12
CA GLY C 106 6.77 20.35 38.86
C GLY C 106 6.50 21.11 40.15
N ILE C 107 5.88 20.44 41.12
CA ILE C 107 5.59 21.07 42.40
C ILE C 107 6.88 21.54 43.07
N THR C 108 7.87 20.66 43.12
CA THR C 108 9.16 20.96 43.72
C THR C 108 9.84 22.13 43.02
N SER C 109 9.81 22.16 41.69
CA SER C 109 10.47 23.24 40.97
C SER C 109 9.86 24.59 41.24
N PHE C 110 8.55 24.68 41.14
CA PHE C 110 7.89 25.95 41.40
C PHE C 110 7.99 26.33 42.88
N GLY C 111 8.01 25.34 43.76
CA GLY C 111 8.12 25.60 45.19
C GLY C 111 9.50 26.18 45.49
N LEU C 112 10.47 25.66 44.77
CA LEU C 112 11.83 26.11 44.96
C LEU C 112 12.02 27.54 44.45
N VAL C 113 11.30 27.93 43.40
CA VAL C 113 11.38 29.30 42.89
C VAL C 113 10.76 30.25 43.92
N THR C 114 9.64 29.83 44.51
CA THR C 114 8.96 30.61 45.53
C THR C 114 9.91 30.80 46.71
N ALA C 115 10.61 29.73 47.08
CA ALA C 115 11.55 29.75 48.18
C ALA C 115 12.71 30.69 47.88
N ALA C 116 13.11 30.76 46.61
CA ALA C 116 14.20 31.63 46.21
C ALA C 116 13.74 33.09 46.29
N LEU C 117 12.48 33.32 45.92
CA LEU C 117 11.90 34.66 45.96
C LEU C 117 11.80 35.16 47.41
N ALA C 118 11.40 34.26 48.31
CA ALA C 118 11.27 34.60 49.71
C ALA C 118 12.66 34.98 50.25
N THR C 119 13.68 34.22 49.87
CA THR C 119 15.04 34.49 50.32
C THR C 119 15.50 35.87 49.88
N TRP C 120 15.15 36.20 48.66
CA TRP C 120 15.48 37.50 48.09
C TRP C 120 14.80 38.63 48.87
N PHE C 121 13.50 38.52 49.13
CA PHE C 121 12.82 39.58 49.88
C PHE C 121 13.31 39.77 51.31
N VAL C 122 13.55 38.64 51.99
CA VAL C 122 14.04 38.58 53.36
C VAL C 122 15.42 39.25 53.49
N GLY C 123 16.32 38.96 52.55
CA GLY C 123 17.65 39.55 52.55
C GLY C 123 17.57 41.06 52.40
N ARG C 124 16.71 41.50 51.49
CA ARG C 124 16.51 42.92 51.21
C ARG C 124 15.90 43.67 52.39
N ALA C 125 14.94 43.06 53.07
CA ALA C 125 14.29 43.70 54.22
C ALA C 125 15.31 43.94 55.35
N GLN C 126 16.20 42.98 55.57
CA GLN C 126 17.26 43.11 56.59
C GLN C 126 18.09 44.36 56.27
N GLU C 127 18.40 44.51 54.99
CA GLU C 127 19.16 45.65 54.48
C GLU C 127 18.42 46.94 54.78
N ARG C 128 17.14 47.01 54.45
CA ARG C 128 16.33 48.21 54.71
C ARG C 128 16.40 48.62 56.19
N ARG C 129 16.77 47.69 57.07
CA ARG C 129 16.92 47.96 58.49
C ARG C 129 18.40 48.15 58.82
N GLY C 130 19.22 47.21 58.38
CA GLY C 130 20.65 47.24 58.58
C GLY C 130 21.26 45.84 58.67
K K D . -3.64 22.64 41.28
K K E . -5.83 21.18 39.37
K K F . -8.14 19.63 37.33
K K G . -10.52 18.03 35.24
K K H . -13.44 16.08 32.67
K K I . 0.97 25.73 45.34
CA1 DGA J . -3.06 0.00 37.05
CA2 DGA J . -2.79 1.30 37.73
CA3 DGA J . -2.13 1.04 39.04
CA4 DGA J . -2.17 2.22 39.96
CA5 DGA J . -0.80 2.80 40.14
CA6 DGA J . -0.74 3.86 41.20
CA7 DGA J . 0.66 4.37 41.34
CA8 DGA J . 0.69 5.57 42.23
CA9 DGA J . 1.77 5.47 43.27
OA1 DGA J . -3.52 -0.03 35.91
CB1 DGA J . -1.69 -3.38 39.75
CB2 DGA J . -0.77 -2.24 40.05
CB3 DGA J . -0.22 -2.41 41.43
CB4 DGA J . 0.19 -1.10 42.04
CB5 DGA J . -0.79 -0.73 43.11
CB6 DGA J . -0.73 -1.77 44.17
CB7 DGA J . -2.08 -1.95 44.81
CB8 DGA J . -2.42 -0.75 45.60
CB9 DGA J . -3.31 -1.16 46.74
CAB DGA J . -3.52 0.00 47.66
CBB DGA J . -3.58 -0.50 49.06
CCB DGA J . -4.48 0.32 49.92
CDB DGA J . -4.67 -0.36 51.24
CEB DGA J . -5.32 -1.68 51.06
OB1 DGA J . -1.59 -4.41 40.40
OG1 DGA J . -2.52 -1.18 37.57
CG1 DGA J . -2.53 -2.33 36.80
CG2 DGA J . -2.77 -3.56 37.61
OG2 DGA J . -2.80 -3.19 38.94
CG3 DGA J . -4.05 -4.23 37.19
OXT DGA J . -3.91 -4.94 36.01
#